data_1KQ9
#
_entry.id   1KQ9
#
_cell.length_a   90.069
_cell.length_b   98.660
_cell.length_c   101.370
_cell.angle_alpha   90.00
_cell.angle_beta   90.00
_cell.angle_gamma   90.00
#
_symmetry.space_group_name_H-M   'C 2 2 21'
#
loop_
_entity.id
_entity.type
_entity.pdbx_description
1 polymer 'Methionine aminopeptidase 2'
2 non-polymer 'ZINC ION'
3 non-polymer METHIONINE
4 non-polymer 'TERTIARY-BUTYL ALCOHOL'
5 water water
#
_entity_poly.entity_id   1
_entity_poly.type   'polypeptide(L)'
_entity_poly.pdbx_seq_one_letter_code
;MAGVEEVAASGSHLNGDLDPDDREEGAASTAEEAAKKKRRKKKKSKGPSAAGEQEPDKESGASVDEVARQLERSALEDKE
RDEDDEDGDGDGDGATGKKKKKKKKKRGPKVQTDPPSVPICDLYPNGVFPKGQECEYPPTQDGRTAAWRTTSEEKKALDQ
ASEEIWNDFREAAEAHRQVRKYVMSWIKPGMTMIEICEKLEDCSRKLIKENGLNAGLAFPTGCSLNNCAAHYTPNAGDTT
VLQYDDICKIDFGTHISGRIIDCAFTVTFNPKYDTLLKAVKDATNTGIKCAGIDVRLCDVGEAIQEVMESYEVEIDGKTY
QVKPIRNLNGHSIGQYRIHAGKTVPIIKGGEATRMEEGEVYAIETFGSTGKGVVHDDMECSHYMKNFDVGHVPIRLPRTK
HLLNVINENFGTLAFCRRWLDRLGESKYLMALKNLCDLGIVDPYPPLCDIKGSYTAQFEHTILLRPTCKEVVSRGDDY
;
_entity_poly.pdbx_strand_id   A
#
loop_
_chem_comp.id
_chem_comp.type
_chem_comp.name
_chem_comp.formula
TBU non-polymer 'TERTIARY-BUTYL ALCOHOL' 'C4 H10 O'
ZN non-polymer 'ZINC ION' 'Zn 2'
#
# COMPACT_ATOMS: atom_id res chain seq x y z
N GLN A 112 1.83 -16.55 -19.55
CA GLN A 112 1.54 -16.81 -18.12
C GLN A 112 0.56 -17.95 -17.94
N THR A 113 0.75 -18.74 -16.89
CA THR A 113 -0.11 -19.88 -16.62
C THR A 113 -1.35 -19.49 -15.83
N PRO A 116 -1.06 -18.15 -11.78
CA PRO A 116 0.24 -17.47 -12.03
C PRO A 116 1.43 -18.16 -11.41
N SER A 117 2.49 -18.33 -12.20
CA SER A 117 3.70 -18.98 -11.73
C SER A 117 4.94 -18.49 -12.48
N VAL A 118 4.75 -17.92 -13.67
CA VAL A 118 5.84 -17.43 -14.48
C VAL A 118 6.21 -15.99 -14.13
N PRO A 119 7.44 -15.80 -13.66
CA PRO A 119 7.95 -14.49 -13.32
C PRO A 119 7.76 -13.48 -14.44
N ILE A 120 7.42 -12.24 -14.06
CA ILE A 120 7.21 -11.19 -15.05
C ILE A 120 8.40 -11.05 -16.00
N CYS A 121 9.62 -11.12 -15.46
CA CYS A 121 10.81 -10.97 -16.31
C CYS A 121 10.94 -12.06 -17.36
N ASP A 122 10.36 -13.23 -17.13
CA ASP A 122 10.43 -14.31 -18.10
C ASP A 122 9.37 -14.14 -19.18
N LEU A 123 8.43 -13.22 -18.94
CA LEU A 123 7.37 -12.94 -19.90
C LEU A 123 7.76 -11.82 -20.85
N TYR A 124 8.80 -11.08 -20.50
CA TYR A 124 9.29 -9.96 -21.29
C TYR A 124 10.81 -10.07 -21.46
N PRO A 125 11.23 -11.02 -22.29
CA PRO A 125 12.63 -11.32 -22.53
C PRO A 125 13.60 -10.17 -22.70
N ASN A 126 13.20 -9.08 -23.35
CA ASN A 126 14.11 -7.96 -23.57
C ASN A 126 14.24 -7.07 -22.33
N GLY A 127 13.56 -7.42 -21.25
CA GLY A 127 13.66 -6.61 -20.03
C GLY A 127 12.94 -5.29 -20.16
N VAL A 128 12.05 -5.19 -21.15
CA VAL A 128 11.26 -3.98 -21.36
C VAL A 128 9.83 -4.26 -20.92
N PHE A 129 9.39 -3.58 -19.85
CA PHE A 129 8.05 -3.84 -19.32
C PHE A 129 7.01 -2.82 -19.75
N PRO A 130 5.76 -3.26 -19.82
CA PRO A 130 4.65 -2.41 -20.21
C PRO A 130 4.52 -1.14 -19.39
N LYS A 131 4.22 -0.04 -20.06
CA LYS A 131 4.00 1.23 -19.37
C LYS A 131 2.60 1.20 -18.75
N GLY A 132 2.40 2.06 -17.77
CA GLY A 132 1.05 2.16 -17.18
C GLY A 132 0.31 3.23 -18.00
N GLN A 133 -0.77 3.76 -17.47
CA GLN A 133 -1.53 4.80 -18.17
C GLN A 133 -0.74 6.11 -18.19
N GLU A 134 -0.47 6.64 -19.38
CA GLU A 134 0.27 7.89 -19.48
C GLU A 134 -0.69 9.05 -19.67
N CYS A 135 -0.51 10.12 -18.91
CA CYS A 135 -1.39 11.27 -18.97
C CYS A 135 -0.61 12.57 -19.13
N GLU A 136 -1.20 13.48 -19.90
CA GLU A 136 -0.55 14.80 -20.02
C GLU A 136 -0.87 15.49 -18.69
N TYR A 137 -0.01 16.39 -18.25
CA TYR A 137 -0.20 17.09 -16.99
C TYR A 137 -1.35 18.09 -17.03
N PRO A 138 -2.11 18.25 -15.95
CA PRO A 138 -3.20 19.21 -15.92
C PRO A 138 -2.73 20.60 -16.35
N LYS A 155 13.12 17.95 -22.02
CA LYS A 155 12.66 17.04 -20.93
C LYS A 155 12.63 15.59 -21.41
N LYS A 156 12.45 15.40 -22.71
CA LYS A 156 12.41 14.05 -23.28
C LYS A 156 13.73 13.33 -23.02
N ALA A 157 14.82 14.09 -23.08
CA ALA A 157 16.14 13.52 -22.83
C ALA A 157 16.23 13.14 -21.35
N LEU A 158 15.79 14.06 -20.52
CA LEU A 158 15.78 13.89 -19.07
C LEU A 158 14.94 12.68 -18.68
N ASP A 159 13.79 12.53 -19.34
CA ASP A 159 12.89 11.41 -19.11
C ASP A 159 13.57 10.09 -19.46
N GLN A 160 14.20 10.06 -20.62
CA GLN A 160 14.89 8.88 -21.12
C GLN A 160 16.11 8.49 -20.31
N ALA A 161 16.73 9.45 -19.64
CA ALA A 161 17.91 9.19 -18.82
C ALA A 161 17.56 8.38 -17.58
N SER A 162 16.27 8.34 -17.20
CA SER A 162 15.88 7.56 -16.04
C SER A 162 15.03 6.36 -16.43
N GLU A 163 15.12 5.98 -17.71
CA GLU A 163 14.34 4.88 -18.24
C GLU A 163 14.53 3.59 -17.45
N GLU A 164 15.74 3.33 -16.96
CA GLU A 164 15.97 2.09 -16.22
C GLU A 164 15.15 2.10 -14.93
N ILE A 165 14.97 3.26 -14.34
CA ILE A 165 14.15 3.41 -13.14
C ILE A 165 12.67 3.19 -13.44
N TRP A 166 12.14 3.88 -14.45
CA TRP A 166 10.72 3.71 -14.75
C TRP A 166 10.43 2.25 -15.11
N ASN A 167 11.43 1.64 -15.76
CA ASN A 167 11.28 0.25 -16.20
C ASN A 167 11.10 -0.70 -15.03
N ASP A 168 11.84 -0.44 -13.95
CA ASP A 168 11.79 -1.27 -12.75
C ASP A 168 10.42 -1.12 -12.09
N PHE A 169 9.91 0.11 -12.08
CA PHE A 169 8.58 0.34 -11.50
C PHE A 169 7.55 -0.45 -12.30
N ARG A 170 7.68 -0.43 -13.64
CA ARG A 170 6.75 -1.16 -14.49
C ARG A 170 6.82 -2.65 -14.26
N GLU A 171 8.02 -3.20 -14.02
CA GLU A 171 8.12 -4.64 -13.80
C GLU A 171 7.36 -4.99 -12.50
N ALA A 172 7.52 -4.13 -11.51
CA ALA A 172 6.82 -4.34 -10.23
C ALA A 172 5.32 -4.12 -10.38
N ALA A 173 4.90 -3.19 -11.24
CA ALA A 173 3.47 -2.94 -11.43
C ALA A 173 2.80 -4.10 -12.14
N GLU A 174 3.50 -4.68 -13.12
CA GLU A 174 2.94 -5.80 -13.86
C GLU A 174 2.77 -6.98 -12.93
N ALA A 175 3.74 -7.16 -12.01
CA ALA A 175 3.57 -8.26 -11.04
C ALA A 175 2.32 -7.96 -10.19
N HIS A 176 2.22 -6.69 -9.79
CA HIS A 176 1.05 -6.29 -8.96
C HIS A 176 -0.26 -6.56 -9.69
N ARG A 177 -0.34 -6.17 -10.96
CA ARG A 177 -1.55 -6.41 -11.73
C ARG A 177 -1.91 -7.89 -11.80
N GLN A 178 -0.92 -8.74 -12.06
CA GLN A 178 -1.22 -10.18 -12.21
C GLN A 178 -1.58 -10.82 -10.89
N VAL A 179 -0.92 -10.42 -9.80
CA VAL A 179 -1.23 -10.97 -8.48
C VAL A 179 -2.67 -10.62 -8.09
N ARG A 180 -3.03 -9.35 -8.20
CA ARG A 180 -4.39 -8.93 -7.80
C ARG A 180 -5.49 -9.56 -8.63
N LYS A 181 -5.22 -9.73 -9.93
CA LYS A 181 -6.20 -10.38 -10.80
C LYS A 181 -6.49 -11.78 -10.29
N TYR A 182 -5.42 -12.49 -9.92
CA TYR A 182 -5.53 -13.84 -9.38
C TYR A 182 -6.29 -13.84 -8.06
N VAL A 183 -5.92 -12.93 -7.16
CA VAL A 183 -6.62 -12.81 -5.88
C VAL A 183 -8.12 -12.59 -6.06
N MET A 184 -8.49 -11.67 -6.94
CA MET A 184 -9.92 -11.39 -7.16
C MET A 184 -10.67 -12.64 -7.61
N SER A 185 -9.99 -13.60 -8.23
CA SER A 185 -10.68 -14.79 -8.68
C SER A 185 -10.99 -15.78 -7.57
N TRP A 186 -10.24 -15.80 -6.47
CA TRP A 186 -10.51 -16.79 -5.43
C TRP A 186 -10.85 -16.25 -4.06
N ILE A 187 -10.64 -14.97 -3.77
CA ILE A 187 -10.96 -14.48 -2.42
C ILE A 187 -12.45 -14.64 -2.16
N LYS A 188 -12.79 -15.35 -1.09
CA LYS A 188 -14.16 -15.63 -0.73
C LYS A 188 -14.37 -15.68 0.78
N PRO A 189 -15.58 -15.35 1.24
CA PRO A 189 -15.90 -15.46 2.66
C PRO A 189 -15.70 -16.93 3.02
N GLY A 190 -15.29 -17.22 4.25
CA GLY A 190 -15.04 -18.60 4.63
C GLY A 190 -13.52 -18.84 4.71
N MET A 191 -12.75 -18.10 3.93
CA MET A 191 -11.29 -18.26 4.00
C MET A 191 -10.75 -17.54 5.23
N THR A 192 -9.64 -18.03 5.82
CA THR A 192 -9.11 -17.28 6.96
C THR A 192 -8.28 -16.13 6.37
N MET A 193 -8.05 -15.09 7.16
CA MET A 193 -7.24 -13.97 6.69
C MET A 193 -5.81 -14.46 6.44
N ILE A 194 -5.36 -15.44 7.25
CA ILE A 194 -4.02 -15.99 7.04
C ILE A 194 -3.96 -16.72 5.71
N GLU A 195 -4.95 -17.54 5.38
CA GLU A 195 -4.95 -18.27 4.12
C GLU A 195 -4.89 -17.32 2.93
N ILE A 196 -5.66 -16.23 3.04
CA ILE A 196 -5.69 -15.23 1.98
C ILE A 196 -4.32 -14.58 1.80
N CYS A 197 -3.73 -14.08 2.88
CA CYS A 197 -2.43 -13.42 2.75
C CYS A 197 -1.33 -14.37 2.29
N GLU A 198 -1.35 -15.61 2.75
CA GLU A 198 -0.27 -16.53 2.32
C GLU A 198 -0.36 -16.88 0.85
N LYS A 199 -1.58 -17.06 0.37
CA LYS A 199 -1.82 -17.39 -1.03
C LYS A 199 -1.45 -16.20 -1.91
N LEU A 200 -1.76 -14.98 -1.49
CA LEU A 200 -1.39 -13.79 -2.25
C LEU A 200 0.12 -13.60 -2.27
N GLU A 201 0.72 -13.68 -1.08
CA GLU A 201 2.17 -13.49 -0.99
C GLU A 201 2.92 -14.55 -1.78
N ASP A 202 2.47 -15.79 -1.75
CA ASP A 202 3.13 -16.86 -2.52
C ASP A 202 3.21 -16.49 -3.99
N CYS A 203 2.09 -15.99 -4.50
CA CYS A 203 2.01 -15.59 -5.90
C CYS A 203 2.90 -14.39 -6.19
N SER A 204 2.89 -13.40 -5.31
CA SER A 204 3.70 -12.22 -5.47
C SER A 204 5.19 -12.59 -5.50
N ARG A 205 5.59 -13.48 -4.60
CA ARG A 205 7.01 -13.89 -4.57
C ARG A 205 7.40 -14.54 -5.90
N LYS A 206 6.53 -15.42 -6.39
CA LYS A 206 6.79 -16.10 -7.65
C LYS A 206 6.84 -15.15 -8.83
N LEU A 207 5.93 -14.20 -8.94
CA LEU A 207 5.91 -13.29 -10.09
C LEU A 207 6.99 -12.21 -10.03
N ILE A 208 7.36 -11.77 -8.84
CA ILE A 208 8.38 -10.73 -8.73
C ILE A 208 9.79 -11.33 -8.80
N LYS A 209 9.85 -12.65 -8.78
CA LYS A 209 11.11 -13.40 -8.79
C LYS A 209 11.94 -12.91 -7.61
N GLU A 210 11.35 -13.08 -6.41
CA GLU A 210 11.99 -12.61 -5.19
C GLU A 210 13.49 -12.91 -5.19
N ASN A 211 14.29 -11.90 -4.86
CA ASN A 211 15.75 -12.08 -4.83
C ASN A 211 16.33 -11.16 -3.74
N GLY A 212 16.24 -11.60 -2.49
CA GLY A 212 16.76 -10.79 -1.39
C GLY A 212 16.21 -9.37 -1.50
N LEU A 213 17.08 -8.36 -1.41
CA LEU A 213 16.65 -6.97 -1.49
C LEU A 213 16.62 -6.42 -2.90
N ASN A 214 16.89 -7.23 -3.92
CA ASN A 214 16.90 -6.76 -5.30
C ASN A 214 15.53 -6.83 -5.95
N ALA A 215 14.70 -7.72 -5.42
CA ALA A 215 13.34 -7.91 -5.92
C ALA A 215 12.49 -8.57 -4.84
N GLY A 216 11.27 -8.10 -4.59
CA GLY A 216 10.50 -8.80 -3.56
C GLY A 216 9.22 -8.09 -3.18
N LEU A 217 8.77 -8.40 -1.96
CA LEU A 217 7.54 -7.80 -1.42
C LEU A 217 7.94 -6.52 -0.72
N ALA A 218 7.31 -5.41 -1.09
CA ALA A 218 7.68 -4.11 -0.56
C ALA A 218 7.18 -3.88 0.86
N PHE A 219 6.06 -4.52 1.20
CA PHE A 219 5.47 -4.35 2.54
C PHE A 219 4.42 -5.45 2.70
N PRO A 220 4.00 -5.72 3.92
CA PRO A 220 3.06 -6.77 4.23
C PRO A 220 1.70 -6.60 3.56
N THR A 221 0.99 -7.70 3.37
CA THR A 221 -0.33 -7.66 2.79
C THR A 221 -1.38 -7.14 3.79
N GLY A 222 -1.80 -5.89 3.55
CA GLY A 222 -2.88 -5.31 4.35
C GLY A 222 -4.19 -5.94 3.91
N CYS A 223 -5.04 -6.29 4.86
CA CYS A 223 -6.35 -6.90 4.55
C CYS A 223 -7.33 -6.43 5.61
N SER A 224 -7.17 -5.16 5.99
CA SER A 224 -7.94 -4.50 7.03
C SER A 224 -9.44 -4.62 6.83
N LEU A 225 -10.17 -4.96 7.90
CA LEU A 225 -11.58 -5.23 7.79
C LEU A 225 -12.52 -4.20 8.42
N ASN A 226 -13.62 -3.93 7.71
CA ASN A 226 -14.68 -3.08 8.22
C ASN A 226 -14.26 -1.72 8.73
N ASN A 227 -14.31 -1.44 10.04
CA ASN A 227 -13.94 -0.13 10.55
C ASN A 227 -12.44 0.10 10.50
N CYS A 228 -11.72 -1.01 10.36
CA CYS A 228 -10.25 -0.88 10.25
C CYS A 228 -9.92 -0.60 8.78
N ALA A 229 -9.17 0.48 8.60
CA ALA A 229 -8.86 0.93 7.24
C ALA A 229 -7.50 0.52 6.72
N ALA A 230 -6.53 0.39 7.61
CA ALA A 230 -5.17 0.11 7.14
C ALA A 230 -4.30 -0.54 8.21
N HIS A 231 -3.23 -1.14 7.73
CA HIS A 231 -2.18 -1.71 8.55
C HIS A 231 -2.53 -2.92 9.39
N TYR A 232 -3.54 -3.69 8.99
CA TYR A 232 -3.86 -4.97 9.58
C TYR A 232 -3.45 -6.07 8.59
N THR A 233 -2.68 -7.02 9.12
CA THR A 233 -2.35 -8.28 8.47
C THR A 233 -2.31 -9.25 9.66
N PRO A 234 -2.83 -10.45 9.55
CA PRO A 234 -2.84 -11.38 10.66
C PRO A 234 -1.46 -11.78 11.15
N ASN A 235 -1.32 -11.97 12.45
CA ASN A 235 -0.11 -12.51 13.05
C ASN A 235 -0.40 -14.01 13.21
N ALA A 236 0.61 -14.81 13.51
CA ALA A 236 0.40 -16.25 13.72
C ALA A 236 -0.71 -16.47 14.74
N GLY A 237 -1.54 -17.48 14.52
CA GLY A 237 -2.62 -17.81 15.42
C GLY A 237 -3.93 -17.08 15.21
N ASP A 238 -3.94 -16.04 14.38
CA ASP A 238 -5.17 -15.29 14.13
C ASP A 238 -6.20 -16.18 13.43
N THR A 239 -7.35 -16.41 14.07
CA THR A 239 -8.37 -17.28 13.50
C THR A 239 -9.43 -16.51 12.72
N THR A 240 -9.25 -15.20 12.55
CA THR A 240 -10.24 -14.41 11.84
C THR A 240 -10.61 -15.01 10.49
N VAL A 241 -11.91 -15.12 10.22
CA VAL A 241 -12.44 -15.63 8.96
C VAL A 241 -13.16 -14.51 8.21
N LEU A 242 -12.91 -14.38 6.91
CA LEU A 242 -13.54 -13.37 6.08
C LEU A 242 -15.04 -13.67 5.96
N GLN A 243 -15.87 -12.67 6.19
CA GLN A 243 -17.32 -12.86 6.17
C GLN A 243 -17.99 -12.22 4.95
N TYR A 244 -19.18 -12.69 4.63
CA TYR A 244 -19.96 -12.17 3.51
C TYR A 244 -20.17 -10.66 3.61
N ASP A 245 -20.40 -10.13 4.81
CA ASP A 245 -20.64 -8.72 5.01
C ASP A 245 -19.39 -7.91 5.30
N ASP A 246 -18.21 -8.53 5.18
CA ASP A 246 -16.99 -7.78 5.45
C ASP A 246 -16.59 -6.87 4.29
N ILE A 247 -15.94 -5.76 4.62
CA ILE A 247 -15.38 -4.87 3.60
C ILE A 247 -13.86 -4.88 3.85
N CYS A 248 -13.13 -5.53 2.96
CA CYS A 248 -11.70 -5.78 3.13
C CYS A 248 -10.80 -5.01 2.19
N LYS A 249 -9.86 -4.26 2.77
CA LYS A 249 -8.91 -3.47 1.99
C LYS A 249 -7.63 -4.28 1.73
N ILE A 250 -7.48 -4.71 0.49
CA ILE A 250 -6.29 -5.47 0.07
C ILE A 250 -5.28 -4.46 -0.42
N ASP A 251 -4.24 -4.28 0.39
CA ASP A 251 -3.21 -3.29 0.11
C ASP A 251 -1.84 -3.95 0.17
N PHE A 252 -1.24 -4.20 -0.98
CA PHE A 252 0.03 -4.95 -1.00
C PHE A 252 1.02 -4.29 -1.96
N GLY A 253 2.30 -4.59 -1.77
CA GLY A 253 3.34 -3.96 -2.55
C GLY A 253 4.44 -4.87 -3.07
N THR A 254 4.99 -4.48 -4.22
CA THR A 254 6.06 -5.22 -4.90
C THR A 254 7.18 -4.25 -5.19
N HIS A 255 8.42 -4.71 -5.38
CA HIS A 255 9.48 -3.78 -5.73
C HIS A 255 10.53 -4.52 -6.59
N ILE A 256 11.20 -3.72 -7.39
CA ILE A 256 12.34 -4.18 -8.18
C ILE A 256 13.42 -3.16 -7.82
N SER A 257 14.55 -3.55 -7.25
CA SER A 257 15.59 -2.61 -6.89
C SER A 257 15.11 -1.47 -6.01
N GLY A 258 14.16 -1.73 -5.12
CA GLY A 258 13.67 -0.70 -4.22
C GLY A 258 12.69 0.26 -4.89
N ARG A 259 12.34 0.01 -6.15
CA ARG A 259 11.36 0.87 -6.84
C ARG A 259 9.99 0.24 -6.50
N ILE A 260 9.29 0.89 -5.57
CA ILE A 260 8.07 0.31 -5.02
C ILE A 260 6.76 0.67 -5.70
N ILE A 261 5.93 -0.34 -5.88
CA ILE A 261 4.57 -0.19 -6.35
C ILE A 261 3.68 -0.40 -5.10
N ASP A 262 3.00 0.67 -4.77
CA ASP A 262 2.06 0.68 -3.65
C ASP A 262 0.64 0.86 -4.19
N CYS A 263 -0.15 -0.19 -4.15
CA CYS A 263 -1.47 -0.14 -4.82
C CYS A 263 -2.46 -1.02 -4.10
N ALA A 264 -3.73 -0.55 -3.99
CA ALA A 264 -4.72 -1.26 -3.21
C ALA A 264 -6.14 -1.10 -3.74
N PHE A 265 -6.97 -2.06 -3.39
CA PHE A 265 -8.37 -2.08 -3.77
C PHE A 265 -9.21 -2.66 -2.62
N THR A 266 -10.52 -2.46 -2.71
CA THR A 266 -11.42 -2.96 -1.67
C THR A 266 -12.24 -4.13 -2.20
N VAL A 267 -12.37 -5.15 -1.38
CA VAL A 267 -13.09 -6.37 -1.66
C VAL A 267 -14.39 -6.41 -0.82
N THR A 268 -15.49 -6.71 -1.49
CA THR A 268 -16.78 -6.84 -0.82
C THR A 268 -17.52 -8.00 -1.49
N PHE A 269 -18.54 -8.53 -0.83
CA PHE A 269 -19.38 -9.58 -1.38
C PHE A 269 -20.86 -9.17 -1.35
N ASN A 270 -21.19 -8.22 -0.48
CA ASN A 270 -22.54 -7.70 -0.37
C ASN A 270 -22.64 -6.38 -1.15
N PRO A 271 -23.54 -6.29 -2.12
CA PRO A 271 -23.72 -5.10 -2.93
C PRO A 271 -24.08 -3.83 -2.17
N LYS A 272 -24.53 -3.96 -0.93
CA LYS A 272 -24.87 -2.78 -0.13
C LYS A 272 -23.72 -1.80 -0.06
N TYR A 273 -22.46 -2.24 -0.24
CA TYR A 273 -21.36 -1.29 -0.14
C TYR A 273 -21.00 -0.68 -1.48
N ASP A 274 -21.68 -1.07 -2.56
CA ASP A 274 -21.29 -0.56 -3.88
C ASP A 274 -21.09 0.93 -3.98
N THR A 275 -21.99 1.77 -3.47
CA THR A 275 -21.79 3.22 -3.62
C THR A 275 -20.61 3.74 -2.83
N LEU A 276 -20.36 3.12 -1.66
CA LEU A 276 -19.21 3.55 -0.87
C LEU A 276 -17.92 3.28 -1.67
N LEU A 277 -17.87 2.12 -2.30
CA LEU A 277 -16.68 1.77 -3.08
C LEU A 277 -16.50 2.69 -4.27
N LYS A 278 -17.62 3.00 -4.92
CA LYS A 278 -17.59 3.92 -6.06
C LYS A 278 -17.11 5.29 -5.62
N ALA A 279 -17.58 5.75 -4.44
CA ALA A 279 -17.17 7.06 -3.96
C ALA A 279 -15.65 7.16 -3.82
N VAL A 280 -15.08 6.15 -3.16
CA VAL A 280 -13.64 6.16 -2.91
C VAL A 280 -12.86 5.97 -4.20
N LYS A 281 -13.32 5.08 -5.08
CA LYS A 281 -12.63 4.88 -6.36
C LYS A 281 -12.59 6.20 -7.12
N ASP A 282 -13.72 6.92 -7.12
CA ASP A 282 -13.81 8.20 -7.79
C ASP A 282 -12.91 9.23 -7.13
N ALA A 283 -12.90 9.27 -5.79
CA ALA A 283 -12.03 10.20 -5.08
C ALA A 283 -10.56 9.93 -5.43
N THR A 284 -10.19 8.66 -5.49
CA THR A 284 -8.80 8.31 -5.79
C THR A 284 -8.45 8.74 -7.21
N ASN A 285 -9.38 8.48 -8.14
CA ASN A 285 -9.12 8.88 -9.54
C ASN A 285 -9.05 10.38 -9.67
N THR A 286 -9.79 11.12 -8.86
CA THR A 286 -9.76 12.58 -8.87
C THR A 286 -8.40 13.06 -8.37
N GLY A 287 -7.89 12.40 -7.32
CA GLY A 287 -6.57 12.82 -6.80
C GLY A 287 -5.52 12.52 -7.87
N ILE A 288 -5.67 11.39 -8.55
CA ILE A 288 -4.68 11.03 -9.59
C ILE A 288 -4.71 12.06 -10.72
N LYS A 289 -5.92 12.50 -11.08
CA LYS A 289 -6.06 13.48 -12.16
C LYS A 289 -5.49 14.83 -11.79
N CYS A 290 -5.73 15.28 -10.56
CA CYS A 290 -5.28 16.59 -10.08
C CYS A 290 -3.78 16.67 -9.86
N ALA A 291 -3.15 15.53 -9.59
CA ALA A 291 -1.72 15.48 -9.36
C ALA A 291 -0.92 15.95 -10.57
N GLY A 292 0.24 16.54 -10.31
CA GLY A 292 1.11 16.98 -11.39
C GLY A 292 2.27 17.84 -10.90
N ILE A 293 3.25 18.03 -11.78
CA ILE A 293 4.41 18.86 -11.43
C ILE A 293 3.93 20.27 -11.11
N ASP A 294 4.36 20.85 -10.01
CA ASP A 294 4.01 22.18 -9.56
C ASP A 294 2.64 22.27 -8.89
N VAL A 295 1.92 21.16 -8.81
CA VAL A 295 0.61 21.17 -8.17
C VAL A 295 0.79 21.21 -6.65
N ARG A 296 -0.01 22.02 -5.98
CA ARG A 296 0.05 22.15 -4.53
C ARG A 296 -0.64 20.94 -3.89
N LEU A 297 0.04 20.28 -2.96
CA LEU A 297 -0.55 19.12 -2.30
C LEU A 297 -1.90 19.47 -1.67
N CYS A 298 -2.04 20.65 -1.09
CA CYS A 298 -3.31 21.00 -0.44
C CYS A 298 -4.46 21.04 -1.45
N ASP A 299 -4.15 21.36 -2.71
CA ASP A 299 -5.19 21.42 -3.73
C ASP A 299 -5.65 20.01 -4.11
N VAL A 300 -4.72 19.06 -4.04
CA VAL A 300 -5.10 17.68 -4.36
C VAL A 300 -6.04 17.17 -3.29
N GLY A 301 -5.74 17.49 -2.03
CA GLY A 301 -6.60 17.07 -0.92
C GLY A 301 -7.99 17.70 -1.01
N GLU A 302 -8.04 18.99 -1.36
CA GLU A 302 -9.34 19.66 -1.45
C GLU A 302 -10.22 18.99 -2.50
N ALA A 303 -9.61 18.71 -3.65
CA ALA A 303 -10.31 18.07 -4.76
C ALA A 303 -10.86 16.70 -4.36
N ILE A 304 -10.01 15.89 -3.74
CA ILE A 304 -10.40 14.56 -3.30
C ILE A 304 -11.62 14.63 -2.38
N GLN A 305 -11.57 15.55 -1.42
CA GLN A 305 -12.65 15.69 -0.45
C GLN A 305 -13.95 16.11 -1.13
N GLU A 306 -13.85 17.07 -2.06
CA GLU A 306 -15.05 17.53 -2.76
C GLU A 306 -15.76 16.37 -3.46
N VAL A 307 -15.02 15.54 -4.19
CA VAL A 307 -15.64 14.40 -4.86
C VAL A 307 -16.18 13.38 -3.85
N MET A 308 -15.32 13.00 -2.90
CA MET A 308 -15.71 12.02 -1.90
C MET A 308 -17.02 12.37 -1.20
N GLU A 309 -17.12 13.62 -0.77
CA GLU A 309 -18.28 14.09 -0.02
C GLU A 309 -19.50 14.32 -0.89
N SER A 310 -19.34 14.19 -2.20
CA SER A 310 -20.50 14.38 -3.10
C SER A 310 -21.36 13.12 -3.10
N TYR A 311 -20.84 12.07 -2.46
CA TYR A 311 -21.54 10.79 -2.39
C TYR A 311 -22.28 10.59 -1.08
N GLU A 312 -23.46 9.99 -1.20
CA GLU A 312 -24.28 9.63 -0.04
C GLU A 312 -24.60 8.15 -0.24
N VAL A 313 -24.59 7.39 0.85
CA VAL A 313 -24.83 5.96 0.74
C VAL A 313 -25.85 5.52 1.77
N GLU A 314 -26.43 4.36 1.54
CA GLU A 314 -27.39 3.77 2.45
C GLU A 314 -26.96 2.32 2.70
N ILE A 315 -26.73 2.04 3.98
CA ILE A 315 -26.31 0.70 4.37
C ILE A 315 -27.13 0.26 5.58
N ASP A 316 -27.83 -0.85 5.40
CA ASP A 316 -28.70 -1.41 6.42
C ASP A 316 -29.69 -0.40 6.98
N GLY A 317 -30.38 0.29 6.08
CA GLY A 317 -31.41 1.25 6.45
C GLY A 317 -30.94 2.58 7.01
N LYS A 318 -29.64 2.83 7.03
CA LYS A 318 -29.14 4.10 7.53
C LYS A 318 -28.43 4.85 6.42
N THR A 319 -28.51 6.18 6.40
CA THR A 319 -27.84 6.91 5.33
C THR A 319 -26.65 7.67 5.86
N TYR A 320 -25.66 7.88 5.00
CA TYR A 320 -24.47 8.61 5.40
C TYR A 320 -23.89 9.42 4.24
N GLN A 321 -23.27 10.54 4.54
CA GLN A 321 -22.51 11.27 3.54
C GLN A 321 -21.09 10.69 3.66
N VAL A 322 -20.49 10.17 2.60
CA VAL A 322 -19.16 9.59 2.71
C VAL A 322 -18.14 10.62 3.18
N LYS A 323 -17.30 10.26 4.16
CA LYS A 323 -16.28 11.21 4.61
C LYS A 323 -14.89 10.64 4.44
N PRO A 324 -13.98 11.48 3.94
CA PRO A 324 -12.58 11.09 3.80
C PRO A 324 -12.01 10.89 5.21
N ILE A 325 -11.07 9.97 5.36
CA ILE A 325 -10.44 9.78 6.68
C ILE A 325 -9.32 10.81 6.74
N ARG A 326 -9.58 11.88 7.47
CA ARG A 326 -8.71 13.05 7.51
C ARG A 326 -7.29 12.81 7.98
N ASN A 327 -7.03 11.83 8.83
CA ASN A 327 -5.66 11.62 9.31
C ASN A 327 -4.98 10.47 8.59
N LEU A 328 -5.48 10.12 7.42
CA LEU A 328 -4.89 9.13 6.54
C LEU A 328 -4.52 9.87 5.26
N ASN A 329 -3.48 9.43 4.55
CA ASN A 329 -3.05 10.19 3.37
C ASN A 329 -2.18 9.43 2.40
N GLY A 330 -2.05 10.01 1.21
CA GLY A 330 -1.14 9.45 0.20
C GLY A 330 0.25 9.95 0.59
N HIS A 331 1.27 9.62 -0.21
CA HIS A 331 2.61 10.05 0.18
C HIS A 331 3.67 9.79 -0.88
N SER A 332 4.72 10.60 -0.83
CA SER A 332 5.81 10.39 -1.80
C SER A 332 6.51 9.07 -1.45
N ILE A 333 7.10 8.48 -2.47
CA ILE A 333 7.83 7.24 -2.39
C ILE A 333 9.29 7.45 -2.79
N GLY A 334 10.21 6.86 -2.05
CA GLY A 334 11.64 6.97 -2.33
C GLY A 334 12.23 5.57 -2.49
N GLN A 335 13.51 5.48 -2.89
CA GLN A 335 14.11 4.15 -3.07
C GLN A 335 14.16 3.41 -1.74
N TYR A 336 13.56 2.23 -1.70
CA TYR A 336 13.44 1.42 -0.50
C TYR A 336 12.75 2.20 0.62
N ARG A 337 12.00 3.24 0.24
CA ARG A 337 11.35 4.11 1.21
C ARG A 337 9.88 4.37 0.90
N ILE A 338 9.00 3.55 1.47
CA ILE A 338 7.57 3.64 1.24
C ILE A 338 7.02 5.02 1.55
N HIS A 339 7.57 5.73 2.52
CA HIS A 339 7.10 7.07 2.88
C HIS A 339 8.29 8.03 2.87
N ALA A 340 8.51 8.64 1.70
CA ALA A 340 9.66 9.52 1.51
C ALA A 340 9.60 10.86 2.23
N GLY A 341 8.51 11.24 2.87
CA GLY A 341 8.49 12.51 3.59
C GLY A 341 7.38 13.49 3.22
N LYS A 342 6.87 13.45 1.99
CA LYS A 342 5.80 14.36 1.61
C LYS A 342 4.46 13.62 1.73
N THR A 343 3.40 14.31 2.14
CA THR A 343 2.12 13.61 2.26
C THR A 343 1.06 14.24 1.37
N VAL A 344 0.13 13.42 0.88
CA VAL A 344 -0.96 13.91 0.02
C VAL A 344 -2.26 13.83 0.81
N PRO A 345 -2.72 14.95 1.33
CA PRO A 345 -3.92 15.00 2.15
C PRO A 345 -5.15 14.57 1.37
N ILE A 346 -6.20 14.15 2.07
CA ILE A 346 -7.43 13.76 1.39
C ILE A 346 -8.60 14.62 1.88
N ILE A 347 -8.25 15.77 2.45
CA ILE A 347 -9.19 16.76 2.94
C ILE A 347 -8.55 18.13 2.68
N LYS A 348 -9.36 19.18 2.68
CA LYS A 348 -8.83 20.52 2.48
C LYS A 348 -8.04 20.94 3.73
N GLY A 349 -7.30 22.05 3.65
CA GLY A 349 -6.57 22.54 4.80
C GLY A 349 -5.10 22.16 4.91
N GLY A 350 -4.56 21.39 3.98
CA GLY A 350 -3.18 20.96 4.04
C GLY A 350 -2.15 22.00 3.62
N GLU A 351 -0.93 21.55 3.38
CA GLU A 351 0.18 22.41 2.99
C GLU A 351 0.19 22.75 1.51
N ALA A 352 0.67 23.95 1.18
CA ALA A 352 0.77 24.39 -0.21
C ALA A 352 2.02 23.87 -0.89
N THR A 353 2.80 23.04 -0.18
CA THR A 353 3.99 22.43 -0.77
C THR A 353 3.62 21.81 -2.11
N ARG A 354 4.48 22.00 -3.11
CA ARG A 354 4.21 21.51 -4.44
C ARG A 354 4.87 20.18 -4.78
N MET A 355 4.22 19.42 -5.67
CA MET A 355 4.75 18.17 -6.18
C MET A 355 5.87 18.56 -7.16
N GLU A 356 6.89 17.72 -7.27
CA GLU A 356 8.00 18.09 -8.15
C GLU A 356 8.31 17.05 -9.22
N GLU A 357 8.92 17.54 -10.30
CA GLU A 357 9.31 16.67 -11.40
C GLU A 357 10.22 15.57 -10.86
N GLY A 358 9.98 14.35 -11.29
CA GLY A 358 10.82 13.22 -10.86
C GLY A 358 10.30 12.50 -9.63
N GLU A 359 9.38 13.11 -8.89
CA GLU A 359 8.83 12.45 -7.70
C GLU A 359 7.87 11.33 -8.05
N VAL A 360 7.72 10.42 -7.08
CA VAL A 360 6.82 9.27 -7.22
C VAL A 360 5.86 9.35 -6.03
N TYR A 361 4.57 9.19 -6.30
CA TYR A 361 3.59 9.29 -5.22
C TYR A 361 2.65 8.08 -5.18
N ALA A 362 2.23 7.79 -3.95
CA ALA A 362 1.19 6.78 -3.75
C ALA A 362 -0.07 7.64 -3.54
N ILE A 363 -1.00 7.61 -4.49
CA ILE A 363 -2.23 8.38 -4.29
C ILE A 363 -3.27 7.40 -3.75
N GLU A 364 -3.61 7.51 -2.48
CA GLU A 364 -4.62 6.64 -1.90
C GLU A 364 -5.64 7.52 -1.18
N THR A 365 -6.89 7.08 -1.21
CA THR A 365 -7.91 7.82 -0.47
C THR A 365 -8.72 6.76 0.28
N PHE A 366 -9.33 7.20 1.36
CA PHE A 366 -10.12 6.34 2.22
C PHE A 366 -11.45 7.06 2.53
N GLY A 367 -12.54 6.35 2.40
CA GLY A 367 -13.85 6.92 2.72
C GLY A 367 -14.42 6.14 3.92
N SER A 368 -15.13 6.82 4.81
CA SER A 368 -15.71 6.15 5.97
C SER A 368 -17.14 6.54 6.29
N THR A 369 -17.90 5.65 6.91
CA THR A 369 -19.24 5.98 7.38
C THR A 369 -19.16 6.39 8.84
N GLY A 370 -17.96 6.37 9.42
CA GLY A 370 -17.78 6.71 10.82
C GLY A 370 -17.41 8.15 11.10
N LYS A 371 -16.44 8.36 12.00
CA LYS A 371 -15.98 9.68 12.36
C LYS A 371 -15.07 10.29 11.30
N GLY A 372 -14.51 9.46 10.42
CA GLY A 372 -13.58 10.01 9.43
C GLY A 372 -12.23 10.31 10.08
N VAL A 373 -11.94 9.55 11.14
CA VAL A 373 -10.68 9.68 11.86
C VAL A 373 -10.24 8.30 12.32
N VAL A 374 -8.96 7.97 12.19
CA VAL A 374 -8.52 6.66 12.65
C VAL A 374 -7.66 6.76 13.92
N HIS A 375 -7.66 5.68 14.68
CA HIS A 375 -6.86 5.54 15.89
C HIS A 375 -6.18 4.17 15.88
N ASP A 376 -5.04 4.05 16.57
CA ASP A 376 -4.37 2.76 16.67
C ASP A 376 -5.26 1.77 17.40
N ASP A 377 -5.37 0.54 16.89
CA ASP A 377 -6.21 -0.45 17.56
C ASP A 377 -5.80 -1.87 17.22
N MET A 378 -6.01 -2.76 18.18
CA MET A 378 -5.72 -4.18 18.03
C MET A 378 -4.22 -4.47 18.13
N GLU A 379 -3.85 -5.73 17.96
CA GLU A 379 -2.44 -6.13 18.00
C GLU A 379 -1.70 -5.57 16.80
N CYS A 380 -0.43 -5.21 16.99
CA CYS A 380 0.42 -4.71 15.92
C CYS A 380 1.00 -5.86 15.12
N SER A 381 1.06 -5.70 13.78
CA SER A 381 1.65 -6.75 12.95
C SER A 381 2.72 -6.17 12.04
N HIS A 382 2.62 -4.89 11.68
CA HIS A 382 3.53 -4.21 10.78
C HIS A 382 4.63 -3.45 11.51
N TYR A 383 5.85 -3.55 10.99
CA TYR A 383 7.00 -2.86 11.55
C TYR A 383 7.93 -2.42 10.42
N MET A 384 8.70 -1.37 10.68
CA MET A 384 9.64 -0.89 9.68
C MET A 384 10.76 -0.09 10.33
N LYS A 385 11.97 -0.40 9.91
CA LYS A 385 13.15 0.30 10.43
C LYS A 385 13.08 1.78 10.11
N ASN A 386 13.49 2.64 11.03
CA ASN A 386 13.51 4.09 10.78
C ASN A 386 14.59 4.34 9.73
N PHE A 387 14.20 4.89 8.60
CA PHE A 387 15.11 5.14 7.49
C PHE A 387 16.31 5.99 7.87
N ASP A 388 16.13 6.91 8.82
CA ASP A 388 17.21 7.82 9.19
C ASP A 388 18.18 7.28 10.22
N VAL A 389 17.82 6.20 10.91
CA VAL A 389 18.71 5.66 11.93
C VAL A 389 19.88 4.93 11.27
N GLY A 390 21.09 5.30 11.67
CA GLY A 390 22.29 4.69 11.11
C GLY A 390 22.65 3.42 11.89
N HIS A 391 23.91 3.02 11.81
CA HIS A 391 24.39 1.83 12.50
C HIS A 391 24.36 2.00 14.01
N VAL A 392 23.88 0.96 14.69
CA VAL A 392 23.79 0.96 16.14
C VAL A 392 24.34 -0.37 16.68
N PRO A 393 25.48 -0.31 17.36
CA PRO A 393 26.08 -1.50 17.93
C PRO A 393 25.15 -2.05 19.01
N ILE A 394 24.86 -3.34 18.95
CA ILE A 394 23.99 -3.98 19.93
C ILE A 394 24.67 -5.24 20.46
N ARG A 395 24.76 -5.35 21.78
CA ARG A 395 25.37 -6.53 22.41
C ARG A 395 24.32 -7.52 22.87
N LEU A 396 23.13 -7.06 23.29
CA LEU A 396 22.10 -8.03 23.69
C LEU A 396 21.97 -9.00 22.53
N PRO A 397 22.21 -10.28 22.76
CA PRO A 397 22.23 -11.28 21.72
C PRO A 397 20.97 -11.46 20.91
N ARG A 398 19.81 -11.61 21.54
CA ARG A 398 18.57 -11.84 20.78
C ARG A 398 18.19 -10.61 19.96
N THR A 399 18.39 -9.44 20.52
CA THR A 399 18.09 -8.16 19.89
C THR A 399 19.03 -7.90 18.73
N LYS A 400 20.31 -8.18 18.95
CA LYS A 400 21.33 -8.03 17.92
C LYS A 400 20.99 -8.95 16.75
N HIS A 401 20.66 -10.21 17.04
CA HIS A 401 20.36 -11.17 15.98
C HIS A 401 19.12 -10.72 15.20
N LEU A 402 18.12 -10.25 15.92
CA LEU A 402 16.90 -9.84 15.18
C LEU A 402 17.20 -8.66 14.27
N LEU A 403 17.98 -7.69 14.74
CA LEU A 403 18.34 -6.54 13.91
C LEU A 403 19.09 -7.00 12.66
N ASN A 404 20.00 -7.96 12.84
CA ASN A 404 20.74 -8.51 11.71
C ASN A 404 19.78 -9.15 10.70
N VAL A 405 18.83 -9.93 11.16
CA VAL A 405 17.83 -10.56 10.31
C VAL A 405 17.05 -9.50 9.53
N ILE A 406 16.64 -8.46 10.25
CA ILE A 406 15.90 -7.37 9.59
C ILE A 406 16.75 -6.67 8.55
N ASN A 407 17.98 -6.32 8.90
CA ASN A 407 18.87 -5.66 7.94
C ASN A 407 19.10 -6.52 6.71
N GLU A 408 19.30 -7.82 6.87
CA GLU A 408 19.55 -8.72 5.76
C GLU A 408 18.34 -8.94 4.86
N ASN A 409 17.17 -9.10 5.44
CA ASN A 409 15.97 -9.44 4.71
C ASN A 409 15.06 -8.29 4.32
N PHE A 410 15.01 -7.22 5.08
CA PHE A 410 14.09 -6.12 4.77
C PHE A 410 14.76 -4.78 4.57
N GLY A 411 15.92 -4.56 5.20
CA GLY A 411 16.57 -3.25 5.12
C GLY A 411 15.56 -2.22 5.64
N THR A 412 15.24 -1.19 4.87
CA THR A 412 14.28 -0.18 5.29
C THR A 412 12.87 -0.48 4.82
N LEU A 413 12.63 -1.63 4.22
CA LEU A 413 11.29 -2.02 3.79
C LEU A 413 10.46 -2.51 4.97
N ALA A 414 9.14 -2.28 4.98
CA ALA A 414 8.31 -2.78 6.05
C ALA A 414 8.21 -4.30 6.03
N PHE A 415 7.96 -4.89 7.20
CA PHE A 415 7.81 -6.33 7.34
C PHE A 415 6.70 -6.59 8.36
N CYS A 416 6.31 -7.85 8.51
CA CYS A 416 5.35 -8.22 9.53
C CYS A 416 5.85 -9.42 10.33
N ARG A 417 5.18 -9.74 11.45
CA ARG A 417 5.60 -10.90 12.25
C ARG A 417 5.54 -12.22 11.50
N ARG A 418 4.57 -12.43 10.62
CA ARG A 418 4.50 -13.68 9.86
C ARG A 418 5.78 -13.89 9.03
N TRP A 419 6.38 -12.79 8.59
CA TRP A 419 7.58 -12.89 7.75
C TRP A 419 8.81 -13.27 8.58
N LEU A 420 8.77 -12.99 9.88
CA LEU A 420 9.88 -13.40 10.76
C LEU A 420 9.69 -14.89 11.02
N ASP A 421 8.44 -15.30 11.26
CA ASP A 421 8.13 -16.71 11.49
C ASP A 421 8.62 -17.57 10.33
N ARG A 422 8.32 -17.13 9.12
CA ARG A 422 8.67 -17.84 7.90
C ARG A 422 10.17 -18.05 7.80
N LEU A 423 10.95 -17.11 8.32
CA LEU A 423 12.40 -17.21 8.27
C LEU A 423 12.94 -18.11 9.38
N GLY A 424 12.03 -18.76 10.09
CA GLY A 424 12.41 -19.65 11.17
C GLY A 424 12.73 -18.95 12.47
N GLU A 425 12.41 -17.67 12.58
CA GLU A 425 12.66 -16.96 13.84
C GLU A 425 11.61 -17.24 14.90
N SER A 426 12.02 -17.31 16.17
CA SER A 426 11.06 -17.51 17.25
C SER A 426 11.58 -16.81 18.50
N LYS A 427 10.71 -16.58 19.49
CA LYS A 427 11.14 -15.86 20.69
C LYS A 427 11.78 -14.54 20.28
N TYR A 428 11.09 -13.80 19.42
CA TYR A 428 11.65 -12.53 18.95
C TYR A 428 10.85 -11.34 19.43
N LEU A 429 9.69 -11.55 20.04
CA LEU A 429 8.84 -10.42 20.43
C LEU A 429 9.53 -9.43 21.35
N MET A 430 10.26 -9.90 22.36
CA MET A 430 10.94 -8.92 23.23
C MET A 430 12.05 -8.21 22.46
N ALA A 431 12.78 -8.95 21.62
CA ALA A 431 13.83 -8.29 20.83
C ALA A 431 13.20 -7.22 19.93
N LEU A 432 12.04 -7.56 19.36
CA LEU A 432 11.36 -6.58 18.50
C LEU A 432 10.95 -5.35 19.29
N LYS A 433 10.40 -5.57 20.49
CA LYS A 433 10.02 -4.45 21.36
C LYS A 433 11.24 -3.61 21.67
N ASN A 434 12.39 -4.28 21.98
CA ASN A 434 13.59 -3.53 22.26
C ASN A 434 13.94 -2.57 21.13
N LEU A 435 13.95 -3.12 19.92
CA LEU A 435 14.29 -2.31 18.75
C LEU A 435 13.31 -1.15 18.59
N CYS A 436 12.03 -1.40 18.88
CA CYS A 436 11.06 -0.31 18.81
C CYS A 436 11.35 0.75 19.88
N ASP A 437 11.59 0.27 21.10
CA ASP A 437 11.88 1.21 22.20
C ASP A 437 13.15 2.00 21.93
N LEU A 438 14.11 1.41 21.21
CA LEU A 438 15.35 2.11 20.87
C LEU A 438 15.13 3.08 19.71
N GLY A 439 13.97 3.01 19.07
CA GLY A 439 13.71 3.92 17.95
C GLY A 439 14.38 3.47 16.66
N ILE A 440 14.96 2.28 16.65
CA ILE A 440 15.59 1.70 15.46
C ILE A 440 14.50 1.21 14.51
N VAL A 441 13.49 0.59 15.08
CA VAL A 441 12.33 0.09 14.37
C VAL A 441 11.08 0.83 14.84
N ASP A 442 10.13 1.06 13.92
CA ASP A 442 8.87 1.70 14.32
C ASP A 442 7.70 0.76 14.11
N PRO A 443 6.77 0.70 15.04
CA PRO A 443 5.58 -0.13 14.93
C PRO A 443 4.53 0.63 14.12
N TYR A 444 3.72 -0.07 13.36
CA TYR A 444 2.67 0.55 12.53
C TYR A 444 1.38 -0.25 12.75
N PRO A 445 0.74 -0.01 13.88
CA PRO A 445 -0.45 -0.75 14.27
C PRO A 445 -1.66 -0.43 13.39
N PRO A 446 -2.64 -1.31 13.38
CA PRO A 446 -3.86 -1.12 12.61
C PRO A 446 -4.51 0.21 12.94
N LEU A 447 -5.02 0.86 11.90
CA LEU A 447 -5.65 2.17 12.02
C LEU A 447 -7.14 2.01 11.72
N CYS A 448 -7.96 2.21 12.75
CA CYS A 448 -9.38 1.95 12.63
C CYS A 448 -10.24 3.13 13.06
N ASP A 449 -11.39 3.24 12.39
CA ASP A 449 -12.38 4.27 12.74
C ASP A 449 -13.24 3.68 13.84
N ILE A 450 -14.31 4.33 14.28
CA ILE A 450 -15.15 3.80 15.33
C ILE A 450 -15.80 2.46 15.01
N LYS A 451 -16.09 1.72 16.09
CA LYS A 451 -16.76 0.41 15.98
C LYS A 451 -18.08 0.59 15.23
N GLY A 452 -18.43 -0.34 14.36
CA GLY A 452 -19.65 -0.24 13.59
C GLY A 452 -19.51 0.54 12.28
N SER A 453 -18.45 1.30 12.07
CA SER A 453 -18.29 2.04 10.82
C SER A 453 -17.70 1.18 9.70
N TYR A 454 -17.81 1.67 8.47
CA TYR A 454 -17.30 0.96 7.30
C TYR A 454 -16.31 1.84 6.55
N THR A 455 -15.15 1.28 6.17
CA THR A 455 -14.14 2.09 5.48
C THR A 455 -13.74 1.38 4.19
N ALA A 456 -13.37 2.17 3.19
CA ALA A 456 -12.96 1.60 1.89
C ALA A 456 -11.72 2.35 1.41
N GLN A 457 -10.94 1.71 0.53
CA GLN A 457 -9.71 2.31 0.03
C GLN A 457 -9.42 1.93 -1.43
N PHE A 458 -8.82 2.87 -2.14
CA PHE A 458 -8.33 2.66 -3.49
C PHE A 458 -7.02 3.42 -3.60
N GLU A 459 -6.02 2.75 -4.18
CA GLU A 459 -4.71 3.36 -4.26
C GLU A 459 -3.90 2.98 -5.51
N HIS A 460 -3.17 3.95 -6.02
CA HIS A 460 -2.29 3.72 -7.16
C HIS A 460 -0.97 4.44 -6.92
N THR A 461 0.06 3.98 -7.62
CA THR A 461 1.35 4.64 -7.63
C THR A 461 1.50 5.40 -8.95
N ILE A 462 1.96 6.63 -8.88
CA ILE A 462 2.16 7.44 -10.08
C ILE A 462 3.60 7.94 -10.16
N LEU A 463 4.07 8.08 -11.41
CA LEU A 463 5.41 8.60 -11.64
C LEU A 463 5.30 10.00 -12.27
N LEU A 464 5.95 10.99 -11.71
CA LEU A 464 5.92 12.35 -12.26
C LEU A 464 7.11 12.52 -13.20
N ARG A 465 7.02 11.83 -14.33
CA ARG A 465 8.10 11.87 -15.32
C ARG A 465 8.16 13.23 -16.01
N PRO A 466 9.31 13.57 -16.56
CA PRO A 466 9.52 14.83 -17.24
C PRO A 466 8.54 15.10 -18.37
N THR A 467 8.17 14.08 -19.14
CA THR A 467 7.28 14.27 -20.27
C THR A 467 5.80 14.03 -20.00
N CYS A 468 5.48 13.31 -18.93
CA CYS A 468 4.09 13.01 -18.63
C CYS A 468 3.92 12.43 -17.23
N LYS A 469 2.65 12.18 -16.91
CA LYS A 469 2.28 11.58 -15.62
C LYS A 469 1.89 10.14 -15.92
N GLU A 470 2.60 9.19 -15.32
CA GLU A 470 2.28 7.79 -15.60
C GLU A 470 1.65 7.10 -14.39
N VAL A 471 0.44 6.61 -14.56
CA VAL A 471 -0.27 5.87 -13.50
C VAL A 471 0.20 4.43 -13.69
N VAL A 472 1.44 4.22 -13.23
CA VAL A 472 2.14 2.97 -13.44
C VAL A 472 1.43 1.72 -12.99
N SER A 473 0.66 1.77 -11.90
CA SER A 473 -0.05 0.57 -11.45
C SER A 473 -1.45 0.44 -12.04
N ARG A 474 -1.88 1.36 -12.90
CA ARG A 474 -3.22 1.24 -13.47
C ARG A 474 -3.43 -0.10 -14.15
N GLY A 475 -4.61 -0.71 -14.04
CA GLY A 475 -4.87 -1.97 -14.74
C GLY A 475 -6.22 -1.87 -15.48
N ASP A 476 -6.70 -2.97 -16.02
CA ASP A 476 -8.01 -2.96 -16.68
C ASP A 476 -9.09 -3.17 -15.62
N ASP A 477 -8.64 -3.39 -14.37
CA ASP A 477 -9.52 -3.61 -13.25
C ASP A 477 -9.82 -2.31 -12.52
N TYR A 478 -8.82 -1.52 -12.14
CA TYR A 478 -9.06 -0.23 -11.51
C TYR A 478 -7.82 0.64 -11.74
ZN ZN B . -0.68 1.04 0.29
ZN ZN C . 0.30 4.12 0.49
N MET D . 0.72 0.00 1.91
CA MET D . 0.76 0.81 3.09
C MET D . 0.49 2.25 2.76
O MET D . 0.80 3.28 3.36
CB MET D . 2.07 0.71 3.91
CG MET D . 2.03 -0.62 4.71
SD MET D . 3.71 -0.60 5.50
CE MET D . 3.31 0.43 6.90
OXT MET D . -0.12 2.39 1.60
O TBU E . -12.81 -5.38 -7.51
C TBU E . -12.41 -4.19 -8.21
C1 TBU E . -11.18 -3.74 -7.40
C2 TBU E . -12.02 -4.34 -9.69
C3 TBU E . -13.52 -3.10 -8.14
#